data_6PER
#
_entry.id   6PER
#
_cell.length_a   80.672
_cell.length_b   99.255
_cell.length_c   150.558
_cell.angle_alpha   90.00
_cell.angle_beta   90.00
_cell.angle_gamma   90.00
#
_symmetry.space_group_name_H-M   'I 2 2 2'
#
loop_
_entity.id
_entity.type
_entity.pdbx_description
1 polymer 'iSeroSnFR, a soluble, genetically-encoded fluorescent sensor for serotonin'
2 non-polymer 1,2-ETHANEDIOL
3 water water
#
_entity_poly.entity_id   1
_entity_poly.type   'polypeptide(L)'
_entity_poly.pdbx_seq_one_letter_code
;MRGSHHHHHHGMASMTGGQQMGRDLYDDDDKDRWGSANDTVVVGSINHTEQIIVANMLAEMIEAHTDLKVVRKLNLGGVN
VNFEAIKRGGANNGIDIYLEYVGYGLVDILGYPEPNVYIIADKQKNGIKANFKIRYNVEDGSVQLADHYQQNTPIGDGPV
LLPDNHYLSTQSVLSKDPNEKRDHMVLLEFVTAAGITLGMDELYKGGTGGSMSKGEELFTGVVPILVELDGGVNGHKFSV
RGEGEGDATNGKLTLKFICTTGKLPVPWPTLVTTL(CRO)VQCFSRYPDHMKQHDFFKSAMPEGYVQERTISFKDDGTYK
TRAEVKFEGDTLVNRIELKGIDFKEDGNILGHKLEYNFPPPGATDPEGAYETVKKEYKRKWNIVWLKPLGFNASYVLAVK
DELAKQYNLKTFSDLAKISDKLILGANMMFLENPDGYPGLQKLYNFKFKHTKSMDAGIPYTAIDNNEVQVIDATATDGLL
VSHKLKILEDDKAFFPPYYAAPIIRQDVLDKHPELKDVLNKLANQISLEEMQKLNYKRDGEGQDPAKVAKEFLKEKGLI
;
_entity_poly.pdbx_strand_id   A
#
loop_
_chem_comp.id
_chem_comp.type
_chem_comp.name
_chem_comp.formula
EDO non-polymer 1,2-ETHANEDIOL 'C2 H6 O2'
#
# COMPACT_ATOMS: atom_id res chain seq x y z
N ASN A 38 -4.83 16.17 -33.30
CA ASN A 38 -5.40 16.77 -32.08
C ASN A 38 -5.25 18.31 -32.08
N ASP A 39 -6.11 18.99 -31.31
CA ASP A 39 -5.99 20.41 -31.05
C ASP A 39 -6.23 20.81 -29.60
N THR A 40 -6.98 20.04 -28.82
CA THR A 40 -7.21 20.29 -27.40
C THR A 40 -6.60 19.16 -26.58
N VAL A 41 -6.11 19.49 -25.38
CA VAL A 41 -5.77 18.49 -24.39
C VAL A 41 -6.51 18.84 -23.11
N VAL A 42 -6.79 17.82 -22.29
CA VAL A 42 -7.68 17.97 -21.14
C VAL A 42 -6.86 17.77 -19.89
N VAL A 43 -6.84 18.79 -19.02
CA VAL A 43 -6.19 18.70 -17.72
C VAL A 43 -7.27 18.52 -16.65
N GLY A 44 -7.12 17.49 -15.83
CA GLY A 44 -8.08 17.19 -14.79
C GLY A 44 -7.62 17.60 -13.40
N SER A 45 -8.60 17.87 -12.54
CA SER A 45 -8.35 18.01 -11.12
C SER A 45 -9.55 17.46 -10.36
N ILE A 46 -9.34 17.15 -9.10
CA ILE A 46 -10.43 16.89 -8.20
C ILE A 46 -10.68 18.14 -7.37
N ASN A 47 -11.80 18.15 -6.64
CA ASN A 47 -12.33 19.34 -6.00
C ASN A 47 -11.60 19.63 -4.68
N HIS A 48 -10.30 19.87 -4.78
CA HIS A 48 -9.42 20.07 -3.63
C HIS A 48 -8.42 21.16 -3.99
N THR A 49 -8.05 21.97 -2.99
CA THR A 49 -7.33 23.22 -3.22
C THR A 49 -6.03 23.00 -4.00
N GLU A 50 -5.14 22.16 -3.45
CA GLU A 50 -3.84 21.95 -4.08
C GLU A 50 -3.98 21.44 -5.51
N GLN A 51 -4.92 20.50 -5.73
CA GLN A 51 -5.16 19.97 -7.07
C GLN A 51 -5.65 21.06 -8.02
N ILE A 52 -6.57 21.91 -7.57
CA ILE A 52 -7.10 22.92 -8.47
C ILE A 52 -6.01 23.92 -8.84
N ILE A 53 -5.16 24.28 -7.86
CA ILE A 53 -4.11 25.25 -8.12
C ILE A 53 -3.11 24.68 -9.12
N VAL A 54 -2.61 23.47 -8.85
CA VAL A 54 -1.58 22.90 -9.71
C VAL A 54 -2.13 22.58 -11.09
N ALA A 55 -3.36 22.04 -11.16
CA ALA A 55 -3.97 21.80 -12.46
C ALA A 55 -4.08 23.08 -13.27
N ASN A 56 -4.47 24.18 -12.62
CA ASN A 56 -4.49 25.47 -13.30
C ASN A 56 -3.10 25.84 -13.79
N MET A 57 -2.06 25.56 -12.99
CA MET A 57 -0.69 25.83 -13.41
C MET A 57 -0.31 25.04 -14.66
N LEU A 58 -0.65 23.76 -14.68
CA LEU A 58 -0.33 22.93 -15.84
C LEU A 58 -1.01 23.48 -17.08
N ALA A 59 -2.27 23.91 -16.93
CA ALA A 59 -2.98 24.50 -18.07
C ALA A 59 -2.30 25.80 -18.54
N GLU A 60 -1.96 26.69 -17.60
CA GLU A 60 -1.28 27.94 -17.95
C GLU A 60 0.04 27.67 -18.66
N MET A 61 0.80 26.67 -18.21
CA MET A 61 2.07 26.37 -18.86
C MET A 61 1.86 25.89 -20.29
N ILE A 62 0.92 24.96 -20.49
CA ILE A 62 0.66 24.47 -21.84
C ILE A 62 0.19 25.61 -22.76
N GLU A 63 -0.68 26.48 -22.24
CA GLU A 63 -1.17 27.58 -23.06
C GLU A 63 -0.09 28.62 -23.34
N ALA A 64 0.82 28.84 -22.40
CA ALA A 64 1.85 29.84 -22.61
C ALA A 64 2.94 29.35 -23.57
N HIS A 65 3.22 28.04 -23.62
CA HIS A 65 4.36 27.54 -24.37
C HIS A 65 4.01 26.72 -25.62
N THR A 66 2.72 26.53 -25.92
CA THR A 66 2.30 25.77 -27.10
C THR A 66 1.16 26.53 -27.77
N ASP A 67 0.69 26.01 -28.90
CA ASP A 67 -0.50 26.55 -29.55
C ASP A 67 -1.75 25.69 -29.33
N LEU A 68 -1.74 24.84 -28.30
CA LEU A 68 -2.86 23.96 -27.98
C LEU A 68 -3.88 24.66 -27.10
N LYS A 69 -5.14 24.28 -27.27
CA LYS A 69 -6.20 24.71 -26.35
C LYS A 69 -6.30 23.70 -25.21
N VAL A 70 -6.42 24.20 -23.99
CA VAL A 70 -6.43 23.36 -22.82
C VAL A 70 -7.81 23.41 -22.20
N VAL A 71 -8.48 22.26 -22.15
CA VAL A 71 -9.73 22.09 -21.41
C VAL A 71 -9.42 21.85 -19.94
N ARG A 72 -10.09 22.60 -19.06
CA ARG A 72 -9.91 22.41 -17.62
C ARG A 72 -11.13 21.66 -17.08
N LYS A 73 -10.94 20.39 -16.70
CA LYS A 73 -12.03 19.48 -16.37
C LYS A 73 -11.98 19.10 -14.90
N LEU A 74 -13.03 19.43 -14.17
CA LEU A 74 -13.14 19.04 -12.77
C LEU A 74 -13.73 17.65 -12.69
N ASN A 75 -13.17 16.83 -11.81
CA ASN A 75 -13.70 15.51 -11.47
C ASN A 75 -14.17 15.53 -10.02
N LEU A 76 -15.36 14.97 -9.77
CA LEU A 76 -15.88 14.82 -8.41
C LEU A 76 -15.73 13.37 -7.95
N GLY A 77 -15.48 13.19 -6.65
CA GLY A 77 -15.72 11.91 -6.01
C GLY A 77 -14.45 11.29 -5.45
N GLY A 78 -14.42 9.94 -5.43
CA GLY A 78 -13.38 9.14 -4.80
C GLY A 78 -11.97 9.54 -5.16
N VAL A 79 -10.98 8.99 -4.45
CA VAL A 79 -9.60 9.48 -4.61
C VAL A 79 -8.95 8.94 -5.88
N ASN A 80 -9.57 7.97 -6.56
CA ASN A 80 -9.01 7.49 -7.82
C ASN A 80 -9.82 7.91 -9.04
N VAL A 81 -10.62 8.98 -8.92
CA VAL A 81 -11.42 9.42 -10.07
C VAL A 81 -10.53 10.05 -11.15
N ASN A 82 -9.45 10.74 -10.76
CA ASN A 82 -8.51 11.26 -11.75
C ASN A 82 -7.90 10.11 -12.56
N PHE A 83 -7.53 9.02 -11.89
CA PHE A 83 -6.91 7.89 -12.58
C PHE A 83 -7.87 7.25 -13.58
N GLU A 84 -9.12 7.04 -13.15
CA GLU A 84 -10.13 6.49 -14.06
C GLU A 84 -10.36 7.43 -15.23
N ALA A 85 -10.37 8.74 -14.97
CA ALA A 85 -10.55 9.71 -16.04
C ALA A 85 -9.41 9.61 -17.05
N ILE A 86 -8.17 9.50 -16.57
CA ILE A 86 -7.06 9.51 -17.52
C ILE A 86 -7.03 8.22 -18.31
N LYS A 87 -7.51 7.11 -17.74
CA LYS A 87 -7.62 5.91 -18.57
C LYS A 87 -8.72 6.04 -19.63
N ARG A 88 -9.80 6.77 -19.32
CA ARG A 88 -10.78 7.12 -20.35
C ARG A 88 -10.14 7.94 -21.47
N GLY A 89 -9.31 8.91 -21.12
CA GLY A 89 -8.73 9.78 -22.14
C GLY A 89 -9.62 10.97 -22.48
N GLY A 90 -8.98 12.05 -22.94
CA GLY A 90 -9.72 13.26 -23.25
C GLY A 90 -10.81 13.06 -24.29
N ALA A 91 -10.60 12.15 -25.25
CA ALA A 91 -11.58 11.95 -26.32
C ALA A 91 -12.84 11.21 -25.87
N ASN A 92 -12.90 10.72 -24.63
CA ASN A 92 -14.04 9.95 -24.14
C ASN A 92 -14.58 10.56 -22.86
N ASN A 93 -14.59 11.88 -22.78
CA ASN A 93 -14.93 12.58 -21.56
C ASN A 93 -14.11 12.10 -20.37
N GLY A 94 -12.83 11.84 -20.62
CA GLY A 94 -11.88 11.71 -19.53
C GLY A 94 -10.91 12.88 -19.57
N ILE A 95 -9.67 12.65 -19.14
CA ILE A 95 -8.65 13.68 -19.10
C ILE A 95 -7.39 13.12 -19.74
N ASP A 96 -6.46 14.02 -20.07
CA ASP A 96 -5.19 13.61 -20.66
C ASP A 96 -4.02 13.75 -19.71
N ILE A 97 -4.16 14.61 -18.70
CA ILE A 97 -3.06 15.05 -17.86
C ILE A 97 -3.64 15.32 -16.48
N TYR A 98 -2.91 14.92 -15.43
CA TYR A 98 -3.22 15.43 -14.11
C TYR A 98 -2.03 15.25 -13.19
N LEU A 99 -2.11 15.82 -12.00
CA LEU A 99 -1.07 15.69 -10.98
C LEU A 99 -1.31 14.45 -10.13
N GLU A 100 -0.40 13.47 -10.19
CA GLU A 100 -0.45 12.27 -9.38
C GLU A 100 0.65 12.31 -8.32
N TYR A 101 0.57 11.42 -7.33
CA TYR A 101 1.56 11.35 -6.27
C TYR A 101 2.23 9.97 -6.30
N VAL A 102 3.57 9.96 -6.30
CA VAL A 102 4.31 8.70 -6.48
C VAL A 102 3.80 7.63 -5.51
N GLY A 103 3.68 8.01 -4.23
CA GLY A 103 3.37 7.02 -3.21
C GLY A 103 1.98 6.44 -3.35
N TYR A 104 1.01 7.26 -3.75
CA TYR A 104 -0.33 6.74 -4.01
C TYR A 104 -0.33 5.79 -5.19
N GLY A 105 0.42 6.12 -6.26
CA GLY A 105 0.49 5.21 -7.39
C GLY A 105 1.12 3.88 -7.02
N LEU A 106 2.18 3.92 -6.21
CA LEU A 106 2.88 2.71 -5.80
C LEU A 106 2.02 1.86 -4.87
N VAL A 107 1.57 2.46 -3.76
CA VAL A 107 0.95 1.68 -2.69
C VAL A 107 -0.51 1.36 -3.00
N ASP A 108 -1.29 2.37 -3.38
CA ASP A 108 -2.74 2.21 -3.51
C ASP A 108 -3.19 1.70 -4.88
N ILE A 109 -2.44 1.96 -5.94
CA ILE A 109 -2.85 1.52 -7.27
C ILE A 109 -2.16 0.20 -7.62
N LEU A 110 -0.83 0.20 -7.63
CA LEU A 110 -0.09 -1.01 -8.00
C LEU A 110 -0.02 -2.02 -6.87
N GLY A 111 -0.01 -1.56 -5.62
CA GLY A 111 0.23 -2.44 -4.49
C GLY A 111 1.65 -2.95 -4.44
N TYR A 112 2.66 -2.03 -4.67
CA TYR A 112 4.10 -2.28 -4.60
C TYR A 112 4.68 -1.56 -3.39
N PRO A 113 5.64 -2.18 -2.68
CA PRO A 113 6.07 -3.57 -2.84
C PRO A 113 5.05 -4.46 -2.15
N GLU A 114 5.28 -5.77 -2.05
CA GLU A 114 4.37 -6.60 -1.27
C GLU A 114 4.11 -5.94 0.07
N PRO A 115 2.89 -6.00 0.59
CA PRO A 115 2.54 -5.22 1.78
C PRO A 115 3.18 -5.76 3.05
N ASN A 116 3.39 -4.86 4.01
CA ASN A 116 3.63 -5.27 5.38
C ASN A 116 2.36 -5.92 5.93
N VAL A 117 2.50 -7.11 6.50
CA VAL A 117 1.36 -7.85 7.03
C VAL A 117 1.38 -7.72 8.54
N TYR A 118 0.40 -7.02 9.10
CA TYR A 118 0.39 -6.73 10.53
C TYR A 118 -0.13 -7.96 11.29
N ILE A 119 0.71 -8.46 12.19
CA ILE A 119 0.37 -9.55 13.09
C ILE A 119 -0.10 -8.94 14.41
N ILE A 120 -1.33 -9.32 14.80
CA ILE A 120 -1.98 -8.81 16.00
C ILE A 120 -2.44 -10.00 16.84
N ALA A 121 -2.27 -9.91 18.16
CA ALA A 121 -2.69 -10.99 19.05
C ALA A 121 -4.20 -11.15 19.01
N ASP A 122 -4.67 -12.40 19.03
CA ASP A 122 -6.08 -12.77 18.97
C ASP A 122 -6.32 -13.66 20.19
N LYS A 123 -6.63 -13.03 21.33
CA LYS A 123 -6.90 -13.74 22.59
C LYS A 123 -7.87 -14.90 22.41
N GLN A 124 -8.98 -14.67 21.71
CA GLN A 124 -10.05 -15.66 21.69
C GLN A 124 -9.61 -16.95 21.01
N LYS A 125 -8.62 -16.87 20.13
CA LYS A 125 -8.05 -18.05 19.51
C LYS A 125 -6.75 -18.47 20.16
N ASN A 126 -6.36 -17.82 21.27
CA ASN A 126 -5.07 -18.09 21.87
C ASN A 126 -3.98 -18.00 20.80
N GLY A 127 -4.17 -17.09 19.83
CA GLY A 127 -3.32 -17.04 18.63
C GLY A 127 -3.17 -15.65 18.08
N ILE A 128 -3.18 -15.53 16.74
CA ILE A 128 -2.94 -14.25 16.09
C ILE A 128 -3.94 -14.08 14.96
N LYS A 129 -4.06 -12.84 14.49
CA LYS A 129 -4.89 -12.53 13.33
C LYS A 129 -4.17 -11.50 12.48
N ALA A 130 -4.61 -11.42 11.22
CA ALA A 130 -4.05 -10.46 10.28
C ALA A 130 -5.10 -10.12 9.23
N ASN A 131 -5.01 -8.90 8.70
CA ASN A 131 -5.84 -8.42 7.61
C ASN A 131 -4.94 -7.64 6.66
N PHE A 132 -4.98 -7.97 5.37
CA PHE A 132 -4.09 -7.28 4.44
C PHE A 132 -4.67 -7.39 3.03
N LYS A 133 -4.13 -6.58 2.12
CA LYS A 133 -4.56 -6.58 0.72
C LYS A 133 -3.43 -7.06 -0.16
N ILE A 134 -3.76 -7.90 -1.16
CA ILE A 134 -2.79 -8.33 -2.15
C ILE A 134 -3.30 -7.89 -3.52
N ARG A 135 -2.41 -7.37 -4.35
CA ARG A 135 -2.78 -7.01 -5.71
C ARG A 135 -2.08 -7.91 -6.71
N TYR A 136 -2.81 -8.25 -7.77
CA TYR A 136 -2.26 -9.06 -8.86
C TYR A 136 -2.39 -8.28 -10.16
N ASN A 137 -1.38 -8.37 -11.02
CA ASN A 137 -1.45 -7.69 -12.31
C ASN A 137 -2.29 -8.50 -13.28
N VAL A 138 -3.18 -7.80 -14.00
CA VAL A 138 -4.06 -8.41 -14.99
C VAL A 138 -3.46 -8.16 -16.37
N GLU A 139 -3.73 -9.07 -17.31
CA GLU A 139 -3.05 -9.02 -18.60
CA GLU A 139 -3.08 -9.04 -18.62
C GLU A 139 -3.50 -7.83 -19.44
N ASP A 140 -4.69 -7.29 -19.21
CA ASP A 140 -5.10 -6.10 -19.94
C ASP A 140 -4.52 -4.82 -19.35
N GLY A 141 -3.69 -4.91 -18.30
CA GLY A 141 -3.13 -3.76 -17.64
C GLY A 141 -3.77 -3.43 -16.31
N SER A 142 -4.96 -3.95 -16.02
CA SER A 142 -5.62 -3.59 -14.77
C SER A 142 -4.99 -4.34 -13.59
N VAL A 143 -5.56 -4.14 -12.40
CA VAL A 143 -5.06 -4.67 -11.15
C VAL A 143 -6.21 -5.36 -10.41
N GLN A 144 -6.00 -6.61 -10.00
CA GLN A 144 -6.98 -7.40 -9.29
C GLN A 144 -6.69 -7.37 -7.79
N LEU A 145 -7.68 -6.99 -6.99
CA LEU A 145 -7.52 -6.95 -5.54
C LEU A 145 -8.01 -8.26 -4.90
N ALA A 146 -7.29 -8.73 -3.90
CA ALA A 146 -7.73 -9.84 -3.05
C ALA A 146 -7.53 -9.47 -1.58
N ASP A 147 -8.65 -9.21 -0.90
CA ASP A 147 -8.65 -8.95 0.54
C ASP A 147 -8.42 -10.25 1.31
N HIS A 148 -7.39 -10.27 2.16
CA HIS A 148 -7.04 -11.44 2.96
C HIS A 148 -7.41 -11.20 4.42
N TYR A 149 -8.11 -12.17 5.01
CA TYR A 149 -8.46 -12.21 6.43
C TYR A 149 -7.92 -13.51 7.00
N GLN A 150 -7.17 -13.41 8.10
CA GLN A 150 -6.38 -14.53 8.58
C GLN A 150 -6.50 -14.68 10.09
N GLN A 151 -6.66 -15.92 10.54
CA GLN A 151 -6.59 -16.28 11.95
C GLN A 151 -5.76 -17.54 12.15
N ASN A 152 -4.89 -17.52 13.16
CA ASN A 152 -4.05 -18.67 13.50
C ASN A 152 -4.25 -19.05 14.96
N THR A 153 -4.34 -20.36 15.18
CA THR A 153 -4.64 -20.96 16.48
C THR A 153 -3.65 -22.09 16.75
N PRO A 154 -3.02 -22.14 17.93
CA PRO A 154 -2.08 -23.23 18.21
C PRO A 154 -2.78 -24.59 18.29
N ILE A 155 -2.09 -25.62 17.79
CA ILE A 155 -2.59 -26.98 17.89
C ILE A 155 -2.36 -27.56 19.28
N GLY A 156 -1.21 -27.23 19.90
CA GLY A 156 -0.88 -27.75 21.21
C GLY A 156 -1.59 -26.99 22.32
N ASP A 157 -1.53 -27.56 23.53
CA ASP A 157 -2.23 -27.05 24.68
C ASP A 157 -1.38 -26.14 25.57
N GLY A 158 -0.08 -26.04 25.31
CA GLY A 158 0.78 -25.26 26.18
C GLY A 158 0.78 -23.76 25.84
N PRO A 159 1.49 -23.00 26.68
CA PRO A 159 1.61 -21.55 26.47
C PRO A 159 2.38 -21.22 25.20
N VAL A 160 1.94 -20.16 24.52
CA VAL A 160 2.56 -19.69 23.28
C VAL A 160 2.80 -18.20 23.40
N LEU A 161 3.68 -17.68 22.54
CA LEU A 161 3.92 -16.25 22.51
C LEU A 161 2.76 -15.55 21.79
N LEU A 162 2.23 -14.51 22.42
CA LEU A 162 1.20 -13.67 21.83
C LEU A 162 1.82 -12.30 21.62
N PRO A 163 1.97 -11.83 20.37
CA PRO A 163 2.83 -10.68 20.11
C PRO A 163 2.14 -9.35 20.37
N ASP A 164 2.96 -8.34 20.69
CA ASP A 164 2.58 -6.97 20.45
C ASP A 164 2.49 -6.74 18.94
N ASN A 165 1.70 -5.74 18.53
CA ASN A 165 1.55 -5.40 17.13
C ASN A 165 2.90 -5.33 16.43
N HIS A 166 3.02 -6.04 15.30
CA HIS A 166 4.21 -5.86 14.47
C HIS A 166 3.84 -6.27 13.05
N TYR A 167 4.81 -6.27 12.14
CA TYR A 167 4.48 -6.72 10.79
C TYR A 167 5.56 -7.65 10.25
N LEU A 168 5.16 -8.49 9.29
CA LEU A 168 6.06 -9.30 8.49
C LEU A 168 6.13 -8.69 7.09
N SER A 169 7.35 -8.49 6.61
CA SER A 169 7.63 -7.97 5.27
C SER A 169 8.15 -9.13 4.43
N THR A 170 7.44 -9.46 3.36
CA THR A 170 7.85 -10.53 2.45
C THR A 170 8.23 -9.96 1.09
N GLN A 171 9.33 -10.47 0.54
CA GLN A 171 9.66 -10.29 -0.86
C GLN A 171 9.61 -11.65 -1.54
N SER A 172 8.81 -11.74 -2.59
CA SER A 172 8.53 -12.99 -3.27
C SER A 172 9.08 -12.88 -4.67
N VAL A 173 9.76 -13.91 -5.13
CA VAL A 173 10.20 -13.98 -6.53
C VAL A 173 9.64 -15.27 -7.11
N LEU A 174 8.76 -15.13 -8.10
CA LEU A 174 8.18 -16.27 -8.78
C LEU A 174 8.89 -16.49 -10.10
N SER A 175 9.21 -17.73 -10.41
CA SER A 175 9.87 -18.04 -11.67
C SER A 175 9.37 -19.38 -12.17
N LYS A 176 9.84 -19.74 -13.37
CA LYS A 176 9.58 -21.03 -13.98
C LYS A 176 10.91 -21.76 -14.11
N ASP A 177 10.85 -23.05 -13.89
CA ASP A 177 11.91 -23.97 -14.26
C ASP A 177 11.78 -24.17 -15.77
N PRO A 178 12.76 -23.72 -16.57
CA PRO A 178 12.63 -23.84 -18.03
C PRO A 178 12.49 -25.26 -18.52
N ASN A 179 12.98 -26.24 -17.76
CA ASN A 179 12.93 -27.64 -18.15
C ASN A 179 11.64 -28.34 -17.79
N GLU A 180 10.76 -27.73 -16.99
CA GLU A 180 9.70 -28.46 -16.31
C GLU A 180 8.45 -28.46 -17.17
N LYS A 181 7.94 -29.65 -17.47
CA LYS A 181 6.75 -29.79 -18.29
C LYS A 181 5.47 -29.65 -17.47
N ARG A 182 5.49 -30.01 -16.19
CA ARG A 182 4.27 -29.93 -15.40
C ARG A 182 3.91 -28.49 -15.13
N ASP A 183 2.62 -28.26 -14.87
CA ASP A 183 2.17 -26.97 -14.37
C ASP A 183 2.78 -26.75 -12.99
N HIS A 184 3.50 -25.63 -12.81
CA HIS A 184 4.36 -25.52 -11.65
C HIS A 184 4.68 -24.06 -11.36
N MET A 185 5.33 -23.86 -10.20
CA MET A 185 5.75 -22.54 -9.75
C MET A 185 7.01 -22.70 -8.92
N VAL A 186 8.07 -21.97 -9.27
CA VAL A 186 9.26 -21.93 -8.43
C VAL A 186 9.18 -20.63 -7.62
N LEU A 187 9.41 -20.73 -6.32
CA LEU A 187 9.20 -19.60 -5.44
C LEU A 187 10.41 -19.41 -4.54
N LEU A 188 10.86 -18.16 -4.44
CA LEU A 188 11.84 -17.75 -3.45
C LEU A 188 11.23 -16.65 -2.59
N GLU A 189 11.39 -16.73 -1.29
CA GLU A 189 10.88 -15.66 -0.44
C GLU A 189 11.88 -15.26 0.62
N PHE A 190 11.92 -13.97 0.91
CA PHE A 190 12.57 -13.43 2.10
C PHE A 190 11.50 -12.81 2.99
N VAL A 191 11.52 -13.17 4.27
CA VAL A 191 10.51 -12.72 5.21
C VAL A 191 11.23 -12.17 6.43
N THR A 192 10.87 -10.95 6.83
CA THR A 192 11.48 -10.34 7.99
C THR A 192 10.41 -9.70 8.86
N ALA A 193 10.51 -9.87 10.17
CA ALA A 193 9.62 -9.19 11.10
C ALA A 193 10.20 -7.83 11.42
N ALA A 194 9.34 -6.83 11.60
CA ALA A 194 9.80 -5.49 11.95
C ALA A 194 8.65 -4.71 12.58
N GLY A 195 8.94 -3.45 12.90
CA GLY A 195 7.93 -2.52 13.39
C GLY A 195 8.02 -2.22 14.86
N ILE A 196 8.90 -2.90 15.60
CA ILE A 196 9.14 -2.63 17.01
C ILE A 196 10.60 -2.22 17.15
N THR A 197 10.82 -1.03 17.72
CA THR A 197 12.14 -0.45 17.70
C THR A 197 12.93 -0.78 18.97
N LEU A 198 14.24 -0.93 18.81
CA LEU A 198 15.15 -1.17 19.93
C LEU A 198 15.44 0.11 20.71
N GLY A 210 13.88 -17.16 29.21
CA GLY A 210 14.77 -17.51 28.12
C GLY A 210 14.77 -16.36 27.09
N SER A 211 15.64 -16.43 26.08
CA SER A 211 15.68 -15.41 25.04
C SER A 211 14.97 -15.83 23.76
N MET A 212 14.54 -17.08 23.66
CA MET A 212 13.70 -17.49 22.55
C MET A 212 12.81 -18.61 23.07
N SER A 213 11.68 -18.81 22.40
CA SER A 213 10.84 -19.94 22.77
C SER A 213 11.59 -21.24 22.52
N LYS A 214 11.11 -22.31 23.16
CA LYS A 214 11.67 -23.62 22.88
C LYS A 214 11.48 -24.00 21.41
N GLY A 215 10.31 -23.67 20.85
CA GLY A 215 10.04 -23.99 19.45
C GLY A 215 11.03 -23.35 18.49
N GLU A 216 11.52 -22.15 18.81
CA GLU A 216 12.47 -21.49 17.93
C GLU A 216 13.73 -22.33 17.74
N GLU A 217 14.09 -23.15 18.74
CA GLU A 217 15.29 -23.98 18.60
C GLU A 217 15.20 -24.92 17.41
N LEU A 218 13.97 -25.24 16.95
CA LEU A 218 13.82 -26.14 15.81
C LEU A 218 14.21 -25.49 14.49
N PHE A 219 14.48 -24.19 14.49
CA PHE A 219 14.62 -23.42 13.27
C PHE A 219 16.03 -22.89 13.04
N THR A 220 17.01 -23.30 13.85
CA THR A 220 18.35 -22.71 13.74
C THR A 220 19.08 -23.16 12.48
N GLY A 221 18.73 -24.31 11.89
CA GLY A 221 19.35 -24.80 10.68
C GLY A 221 18.43 -24.69 9.48
N VAL A 222 18.74 -25.48 8.45
CA VAL A 222 17.94 -25.55 7.23
C VAL A 222 16.92 -26.67 7.42
N VAL A 223 15.64 -26.34 7.27
CA VAL A 223 14.54 -27.25 7.60
C VAL A 223 13.87 -27.66 6.30
N PRO A 224 13.70 -28.96 6.02
CA PRO A 224 12.94 -29.34 4.83
C PRO A 224 11.47 -28.98 5.01
N ILE A 225 10.84 -28.58 3.93
CA ILE A 225 9.43 -28.19 3.93
C ILE A 225 8.68 -29.06 2.92
N LEU A 226 7.49 -29.51 3.33
CA LEU A 226 6.54 -30.18 2.45
C LEU A 226 5.23 -29.41 2.50
N VAL A 227 4.68 -29.08 1.34
CA VAL A 227 3.38 -28.42 1.26
C VAL A 227 2.44 -29.33 0.49
N GLU A 228 1.25 -29.58 1.03
CA GLU A 228 0.23 -30.33 0.35
C GLU A 228 -1.08 -29.54 0.38
N LEU A 229 -1.69 -29.37 -0.80
CA LEU A 229 -2.90 -28.58 -0.92
C LEU A 229 -3.90 -29.39 -1.72
N ASP A 230 -5.10 -29.57 -1.18
CA ASP A 230 -6.22 -30.12 -1.94
C ASP A 230 -7.28 -29.05 -2.06
N GLY A 231 -7.77 -28.80 -3.28
CA GLY A 231 -8.59 -27.64 -3.53
C GLY A 231 -9.76 -27.97 -4.42
N GLY A 232 -10.74 -27.09 -4.38
CA GLY A 232 -11.82 -27.09 -5.33
C GLY A 232 -12.22 -25.65 -5.58
N VAL A 233 -12.30 -25.23 -6.83
CA VAL A 233 -12.79 -23.90 -7.16
C VAL A 233 -13.95 -24.04 -8.13
N ASN A 234 -15.13 -23.56 -7.72
CA ASN A 234 -16.38 -23.81 -8.44
C ASN A 234 -16.52 -25.29 -8.78
N GLY A 235 -16.09 -26.16 -7.86
CA GLY A 235 -16.15 -27.59 -8.11
C GLY A 235 -15.05 -28.17 -9.00
N HIS A 236 -14.18 -27.36 -9.58
CA HIS A 236 -12.98 -27.88 -10.25
C HIS A 236 -11.99 -28.32 -9.19
N LYS A 237 -11.85 -29.63 -9.01
CA LYS A 237 -10.92 -30.19 -8.04
C LYS A 237 -9.47 -30.13 -8.55
N PHE A 238 -8.54 -29.86 -7.65
CA PHE A 238 -7.13 -29.89 -8.03
C PHE A 238 -6.29 -30.14 -6.78
N SER A 239 -5.03 -30.43 -7.01
CA SER A 239 -4.12 -30.70 -5.92
C SER A 239 -2.76 -30.13 -6.26
N VAL A 240 -2.08 -29.59 -5.25
CA VAL A 240 -0.76 -29.00 -5.41
C VAL A 240 0.16 -29.66 -4.40
N ARG A 241 1.38 -29.95 -4.83
CA ARG A 241 2.38 -30.38 -3.88
C ARG A 241 3.67 -29.59 -4.06
N GLY A 242 4.28 -29.22 -2.95
CA GLY A 242 5.48 -28.41 -2.98
C GLY A 242 6.53 -28.98 -2.08
N GLU A 243 7.79 -28.81 -2.48
CA GLU A 243 8.93 -29.26 -1.71
C GLU A 243 9.99 -28.18 -1.67
N GLY A 244 10.66 -28.06 -0.53
CA GLY A 244 11.81 -27.18 -0.53
C GLY A 244 12.43 -27.05 0.83
N GLU A 245 12.92 -25.87 1.18
CA GLU A 245 13.59 -25.69 2.46
C GLU A 245 13.43 -24.28 2.99
N GLY A 246 13.50 -24.16 4.31
CA GLY A 246 13.42 -22.87 4.98
C GLY A 246 14.58 -22.68 5.92
N ASP A 247 15.07 -21.45 5.97
CA ASP A 247 16.28 -21.09 6.68
C ASP A 247 15.91 -19.82 7.43
N ALA A 248 15.35 -19.98 8.63
CA ALA A 248 14.76 -18.85 9.33
C ALA A 248 15.82 -17.85 9.77
N THR A 249 17.03 -18.33 10.08
CA THR A 249 18.15 -17.44 10.39
C THR A 249 18.31 -16.34 9.34
N ASN A 250 18.19 -16.70 8.06
CA ASN A 250 18.23 -15.73 6.96
C ASN A 250 16.83 -15.34 6.48
N GLY A 251 15.77 -15.78 7.17
CA GLY A 251 14.41 -15.53 6.75
C GLY A 251 14.14 -15.96 5.32
N LYS A 252 14.78 -17.06 4.87
CA LYS A 252 14.79 -17.44 3.47
C LYS A 252 13.97 -18.71 3.24
N LEU A 253 13.17 -18.74 2.19
CA LEU A 253 12.42 -19.94 1.82
C LEU A 253 12.58 -20.22 0.33
N THR A 254 12.76 -21.49 -0.02
CA THR A 254 12.87 -21.85 -1.43
C THR A 254 12.02 -23.08 -1.67
N LEU A 255 11.10 -23.00 -2.63
CA LEU A 255 10.17 -24.08 -2.85
C LEU A 255 9.85 -24.24 -4.33
N LYS A 256 9.57 -25.46 -4.72
CA LYS A 256 9.00 -25.76 -6.03
C LYS A 256 7.65 -26.44 -5.83
N PHE A 257 6.63 -25.97 -6.55
CA PHE A 257 5.28 -26.50 -6.47
C PHE A 257 4.87 -27.06 -7.83
N ILE A 258 4.19 -28.19 -7.82
CA ILE A 258 3.63 -28.77 -9.02
C ILE A 258 2.15 -29.03 -8.79
N CYS A 259 1.36 -28.89 -9.84
CA CYS A 259 -0.03 -29.31 -9.76
C CYS A 259 -0.06 -30.79 -10.11
N THR A 260 -0.48 -31.63 -9.18
CA THR A 260 -0.40 -33.07 -9.42
C THR A 260 -1.62 -33.62 -10.14
N THR A 261 -2.57 -32.75 -10.51
CA THR A 261 -3.78 -33.23 -11.19
C THR A 261 -3.90 -32.70 -12.60
N GLY A 262 -2.80 -32.20 -13.19
CA GLY A 262 -2.88 -31.64 -14.54
C GLY A 262 -2.71 -30.13 -14.57
N LYS A 263 -3.61 -29.43 -15.25
CA LYS A 263 -3.57 -27.98 -15.30
C LYS A 263 -4.14 -27.40 -14.01
N LEU A 264 -3.44 -26.41 -13.43
CA LEU A 264 -4.01 -25.67 -12.30
C LEU A 264 -5.18 -24.84 -12.82
N PRO A 265 -6.36 -24.91 -12.20
CA PRO A 265 -7.52 -24.15 -12.71
C PRO A 265 -7.58 -22.70 -12.28
N VAL A 266 -6.66 -22.25 -11.42
CA VAL A 266 -6.55 -20.85 -11.03
C VAL A 266 -5.10 -20.43 -11.28
N PRO A 267 -4.83 -19.11 -11.32
CA PRO A 267 -3.45 -18.66 -11.50
C PRO A 267 -2.58 -18.94 -10.29
N TRP A 268 -1.34 -19.35 -10.55
CA TRP A 268 -0.39 -19.63 -9.47
C TRP A 268 -0.21 -18.47 -8.50
N PRO A 269 -0.13 -17.21 -8.93
CA PRO A 269 0.05 -16.12 -7.96
C PRO A 269 -1.04 -16.06 -6.90
N THR A 270 -2.28 -16.44 -7.23
CA THR A 270 -3.36 -16.39 -6.22
C THR A 270 -3.20 -17.45 -5.15
N LEU A 271 -2.24 -18.38 -5.28
CA LEU A 271 -2.05 -19.42 -4.28
C LEU A 271 -0.81 -19.18 -3.41
N VAL A 272 -0.02 -18.15 -3.70
CA VAL A 272 1.23 -17.92 -2.99
C VAL A 272 0.99 -17.75 -1.48
N THR A 273 0.11 -16.81 -1.11
CA THR A 273 -0.13 -16.58 0.32
C THR A 273 -0.66 -17.83 1.01
N THR A 274 -1.41 -18.68 0.28
CA THR A 274 -1.90 -19.91 0.90
C THR A 274 -0.77 -20.94 1.06
N LEU A 275 0.06 -21.10 0.03
CA LEU A 275 1.12 -22.11 0.02
C LEU A 275 2.24 -21.73 0.98
N1 CRO A 276 2.48 -20.40 1.05
CA1 CRO A 276 3.53 -19.92 1.94
CB1 CRO A 276 4.80 -19.48 1.21
CG1 CRO A 276 5.45 -20.68 0.53
OG1 CRO A 276 4.47 -18.57 0.17
C1 CRO A 276 2.94 -18.80 2.71
N2 CRO A 276 3.14 -17.47 2.46
N3 CRO A 276 2.12 -18.98 3.78
C2 CRO A 276 1.77 -17.80 4.19
O2 CRO A 276 0.97 -17.59 5.18
CA2 CRO A 276 2.40 -16.77 3.38
CA3 CRO A 276 1.62 -20.23 4.35
C3 CRO A 276 2.54 -20.72 5.43
O3 CRO A 276 2.10 -21.50 6.28
CB2 CRO A 276 2.20 -15.31 3.68
CG2 CRO A 276 2.46 -14.22 2.65
CD1 CRO A 276 3.27 -14.38 1.53
CD2 CRO A 276 1.84 -13.01 2.92
CE1 CRO A 276 3.44 -13.31 0.67
CE2 CRO A 276 2.00 -11.94 2.06
CZ CRO A 276 2.81 -12.08 0.95
OH CRO A 276 2.97 -11.01 0.12
N VAL A 277 3.86 -20.31 5.45
CA VAL A 277 4.66 -20.86 6.56
C VAL A 277 5.42 -19.74 7.26
N GLN A 278 4.66 -18.88 7.93
CA GLN A 278 5.24 -17.69 8.53
C GLN A 278 6.16 -18.03 9.70
N CYS A 279 6.25 -19.30 10.11
CA CYS A 279 7.26 -19.66 11.09
C CYS A 279 8.68 -19.48 10.57
N PHE A 280 8.89 -19.24 9.27
CA PHE A 280 10.25 -19.06 8.76
C PHE A 280 10.68 -17.60 8.67
N SER A 281 9.88 -16.68 9.20
CA SER A 281 10.27 -15.27 9.28
C SER A 281 11.54 -15.11 10.11
N ARG A 282 12.37 -14.14 9.72
CA ARG A 282 13.46 -13.73 10.60
C ARG A 282 12.91 -12.70 11.57
N TYR A 283 12.84 -13.05 12.83
CA TYR A 283 12.59 -12.07 13.88
C TYR A 283 13.93 -11.56 14.41
N PRO A 284 14.18 -10.25 14.44
CA PRO A 284 15.40 -9.76 15.07
C PRO A 284 15.41 -10.08 16.56
N ASP A 285 16.63 -10.12 17.13
CA ASP A 285 16.80 -10.54 18.51
C ASP A 285 15.82 -9.84 19.45
N HIS A 286 15.75 -8.51 19.37
CA HIS A 286 14.90 -7.78 20.30
C HIS A 286 13.42 -8.01 20.04
N MET A 287 13.06 -8.83 19.06
CA MET A 287 11.66 -9.11 18.80
C MET A 287 11.32 -10.58 18.93
N LYS A 288 12.27 -11.42 19.33
CA LYS A 288 11.96 -12.86 19.32
C LYS A 288 10.85 -13.23 20.30
N GLN A 289 10.52 -12.35 21.26
CA GLN A 289 9.37 -12.61 22.13
C GLN A 289 8.02 -12.39 21.46
N HIS A 290 8.01 -11.96 20.19
CA HIS A 290 6.77 -11.72 19.46
C HIS A 290 6.52 -12.77 18.38
N ASP A 291 7.31 -13.84 18.36
CA ASP A 291 7.22 -14.88 17.33
C ASP A 291 6.27 -15.98 17.82
N PHE A 292 4.96 -15.76 17.62
CA PHE A 292 3.98 -16.80 17.88
C PHE A 292 4.27 -18.06 17.08
N PHE A 293 4.60 -17.90 15.79
CA PHE A 293 4.62 -19.02 14.86
C PHE A 293 5.61 -20.10 15.31
N LYS A 294 6.83 -19.71 15.70
CA LYS A 294 7.80 -20.72 16.14
C LYS A 294 7.47 -21.24 17.53
N SER A 295 6.85 -20.41 18.40
CA SER A 295 6.55 -20.88 19.75
C SER A 295 5.48 -21.98 19.78
N ALA A 296 4.65 -22.08 18.74
CA ALA A 296 3.66 -23.17 18.68
C ALA A 296 4.26 -24.49 18.23
N MET A 297 5.51 -24.51 17.85
CA MET A 297 6.16 -25.70 17.31
C MET A 297 6.78 -26.55 18.42
N PRO A 298 6.89 -27.88 18.25
CA PRO A 298 6.60 -28.65 17.03
C PRO A 298 5.12 -29.01 16.78
N GLU A 299 4.24 -28.88 17.78
CA GLU A 299 2.83 -29.28 17.62
C GLU A 299 2.14 -28.50 16.51
N GLY A 300 2.47 -27.21 16.36
CA GLY A 300 2.05 -26.48 15.18
C GLY A 300 0.89 -25.54 15.43
N TYR A 301 0.37 -24.99 14.34
CA TYR A 301 -0.81 -24.13 14.43
C TYR A 301 -1.72 -24.39 13.24
N VAL A 302 -2.99 -24.10 13.44
CA VAL A 302 -3.96 -24.04 12.36
C VAL A 302 -3.97 -22.62 11.82
N GLN A 303 -3.98 -22.50 10.50
CA GLN A 303 -4.04 -21.21 9.82
C GLN A 303 -5.26 -21.20 8.92
N GLU A 304 -6.17 -20.26 9.15
CA GLU A 304 -7.40 -20.15 8.37
C GLU A 304 -7.47 -18.79 7.70
N ARG A 305 -7.88 -18.78 6.43
CA ARG A 305 -8.04 -17.52 5.73
C ARG A 305 -9.36 -17.48 4.98
N THR A 306 -9.85 -16.26 4.83
CA THR A 306 -10.83 -15.88 3.82
C THR A 306 -10.14 -14.92 2.85
N ILE A 307 -10.21 -15.20 1.55
CA ILE A 307 -9.60 -14.35 0.52
C ILE A 307 -10.69 -13.95 -0.47
N SER A 308 -11.07 -12.69 -0.44
CA SER A 308 -12.16 -12.17 -1.26
C SER A 308 -11.58 -11.39 -2.44
N PHE A 309 -11.78 -11.92 -3.64
CA PHE A 309 -11.35 -11.24 -4.86
C PHE A 309 -12.42 -10.23 -5.26
N LYS A 310 -12.02 -8.97 -5.34
CA LYS A 310 -12.92 -7.89 -5.74
C LYS A 310 -13.58 -8.24 -7.06
N ASP A 311 -14.92 -8.17 -7.06
CA ASP A 311 -15.78 -8.48 -8.22
C ASP A 311 -15.63 -9.91 -8.71
N ASP A 312 -15.19 -10.83 -7.86
CA ASP A 312 -15.09 -12.23 -8.25
C ASP A 312 -15.33 -13.08 -7.00
N GLY A 313 -14.88 -14.33 -7.03
CA GLY A 313 -15.24 -15.29 -6.00
C GLY A 313 -14.42 -15.15 -4.72
N THR A 314 -14.56 -16.17 -3.86
CA THR A 314 -13.92 -16.22 -2.55
C THR A 314 -13.18 -17.53 -2.37
N TYR A 315 -11.94 -17.47 -1.86
CA TYR A 315 -11.27 -18.65 -1.30
C TYR A 315 -11.52 -18.72 0.20
N LYS A 316 -11.80 -19.91 0.69
CA LYS A 316 -11.61 -20.18 2.11
C LYS A 316 -10.55 -21.25 2.25
N THR A 317 -9.62 -21.06 3.17
CA THR A 317 -8.54 -22.02 3.35
C THR A 317 -8.41 -22.41 4.81
N ARG A 318 -8.04 -23.67 5.03
CA ARG A 318 -7.73 -24.18 6.35
C ARG A 318 -6.46 -25.01 6.24
N ALA A 319 -5.44 -24.68 7.04
CA ALA A 319 -4.15 -25.34 6.93
C ALA A 319 -3.64 -25.70 8.32
N GLU A 320 -2.90 -26.81 8.37
CA GLU A 320 -2.14 -27.20 9.55
C GLU A 320 -0.66 -27.10 9.25
N VAL A 321 0.06 -26.37 10.11
CA VAL A 321 1.50 -26.13 9.95
C VAL A 321 2.17 -26.71 11.19
N LYS A 322 2.97 -27.75 10.99
CA LYS A 322 3.49 -28.49 12.13
C LYS A 322 4.66 -29.36 11.68
N PHE A 323 5.47 -29.80 12.65
CA PHE A 323 6.52 -30.75 12.33
C PHE A 323 5.98 -32.17 12.26
N GLU A 324 6.43 -32.91 11.24
CA GLU A 324 6.26 -34.35 11.16
C GLU A 324 7.68 -34.90 11.02
N GLY A 325 8.17 -35.50 12.10
CA GLY A 325 9.59 -35.81 12.14
C GLY A 325 10.38 -34.54 12.00
N ASP A 326 11.40 -34.57 11.13
CA ASP A 326 12.29 -33.46 10.84
CA ASP A 326 12.19 -33.37 10.99
C ASP A 326 11.68 -32.44 9.89
N THR A 327 10.50 -32.72 9.31
CA THR A 327 9.99 -31.91 8.21
C THR A 327 8.89 -30.95 8.69
N LEU A 328 9.00 -29.68 8.30
CA LEU A 328 7.93 -28.72 8.56
C LEU A 328 6.89 -28.89 7.45
N VAL A 329 5.67 -29.25 7.82
CA VAL A 329 4.62 -29.57 6.84
C VAL A 329 3.50 -28.53 6.94
N ASN A 330 3.05 -28.06 5.78
CA ASN A 330 1.90 -27.16 5.63
C ASN A 330 0.88 -27.94 4.80
N ARG A 331 -0.17 -28.45 5.44
CA ARG A 331 -1.22 -29.18 4.72
C ARG A 331 -2.47 -28.32 4.66
N ILE A 332 -2.98 -28.11 3.45
CA ILE A 332 -4.03 -27.13 3.20
C ILE A 332 -5.23 -27.77 2.52
N GLU A 333 -6.41 -27.31 2.92
CA GLU A 333 -7.65 -27.51 2.18
C GLU A 333 -8.12 -26.14 1.72
N LEU A 334 -8.46 -26.02 0.44
CA LEU A 334 -8.92 -24.75 -0.11
C LEU A 334 -10.23 -24.99 -0.82
N LYS A 335 -11.19 -24.09 -0.62
CA LYS A 335 -12.45 -24.15 -1.34
C LYS A 335 -12.77 -22.78 -1.91
N GLY A 336 -12.91 -22.68 -3.23
CA GLY A 336 -13.26 -21.42 -3.89
C GLY A 336 -14.68 -21.47 -4.38
N ILE A 337 -15.44 -20.40 -4.14
CA ILE A 337 -16.85 -20.35 -4.46
C ILE A 337 -17.21 -19.08 -5.20
N ASP A 338 -18.16 -19.22 -6.14
CA ASP A 338 -18.79 -18.10 -6.83
C ASP A 338 -17.81 -17.32 -7.71
N PHE A 339 -16.95 -18.05 -8.44
CA PHE A 339 -16.03 -17.40 -9.38
C PHE A 339 -16.65 -17.31 -10.76
N LYS A 340 -16.34 -16.23 -11.48
CA LYS A 340 -16.72 -16.13 -12.89
C LYS A 340 -15.86 -17.05 -13.74
N GLU A 341 -16.51 -17.93 -14.52
CA GLU A 341 -15.74 -18.84 -15.36
C GLU A 341 -14.90 -18.08 -16.40
N ASP A 342 -15.27 -16.83 -16.73
CA ASP A 342 -14.51 -16.01 -17.65
C ASP A 342 -13.92 -14.77 -16.99
N GLY A 343 -13.82 -14.77 -15.67
CA GLY A 343 -13.16 -13.68 -14.96
C GLY A 343 -11.65 -13.87 -14.93
N ASN A 344 -11.01 -13.05 -14.09
CA ASN A 344 -9.55 -13.02 -14.04
C ASN A 344 -8.92 -14.27 -13.42
N ILE A 345 -9.66 -15.00 -12.59
CA ILE A 345 -9.10 -16.14 -11.88
C ILE A 345 -9.30 -17.40 -12.71
N LEU A 346 -10.56 -17.79 -12.93
CA LEU A 346 -10.80 -19.03 -13.67
C LEU A 346 -10.42 -18.89 -15.15
N GLY A 347 -10.45 -17.67 -15.68
CA GLY A 347 -10.00 -17.39 -17.03
C GLY A 347 -8.51 -17.18 -17.19
N HIS A 348 -7.72 -17.30 -16.12
CA HIS A 348 -6.25 -17.19 -16.19
C HIS A 348 -5.81 -15.89 -16.88
N LYS A 349 -6.27 -14.75 -16.35
CA LYS A 349 -5.92 -13.44 -16.92
C LYS A 349 -4.94 -12.66 -16.05
N LEU A 350 -4.33 -13.31 -15.07
CA LEU A 350 -3.35 -12.64 -14.25
C LEU A 350 -1.95 -12.87 -14.79
N GLU A 351 -1.10 -11.86 -14.64
CA GLU A 351 0.33 -12.04 -14.93
C GLU A 351 0.99 -12.93 -13.90
N TYR A 352 2.05 -13.61 -14.33
CA TYR A 352 2.85 -14.48 -13.48
C TYR A 352 3.98 -13.67 -12.87
N ASN A 353 3.72 -13.02 -11.74
CA ASN A 353 4.74 -12.27 -11.02
C ASN A 353 4.13 -11.77 -9.71
N PHE A 354 5.04 -11.39 -8.78
CA PHE A 354 4.73 -10.68 -7.56
C PHE A 354 5.45 -9.33 -7.63
N PRO A 355 5.12 -8.38 -6.74
CA PRO A 355 5.68 -7.04 -6.86
C PRO A 355 7.19 -7.05 -6.87
N PRO A 356 7.82 -6.09 -7.55
CA PRO A 356 9.28 -6.03 -7.59
C PRO A 356 9.84 -5.60 -6.25
N PRO A 357 11.16 -5.76 -6.04
CA PRO A 357 11.77 -5.10 -4.88
C PRO A 357 11.72 -3.59 -5.03
N GLY A 358 12.19 -3.06 -6.16
CA GLY A 358 11.94 -1.67 -6.53
C GLY A 358 12.40 -0.68 -5.50
N ALA A 359 13.72 -0.47 -5.41
CA ALA A 359 14.39 0.13 -4.25
C ALA A 359 13.57 1.25 -3.62
N THR A 360 13.57 1.27 -2.28
CA THR A 360 12.56 1.97 -1.51
C THR A 360 12.79 3.48 -1.41
N ASP A 361 13.96 3.98 -1.77
CA ASP A 361 14.18 5.43 -1.74
C ASP A 361 13.34 6.11 -2.82
N PRO A 362 12.95 7.37 -2.60
CA PRO A 362 12.03 8.04 -3.56
C PRO A 362 12.47 7.97 -5.01
N GLU A 363 13.78 7.94 -5.29
CA GLU A 363 14.23 7.77 -6.66
C GLU A 363 13.78 6.43 -7.20
N GLY A 364 13.96 5.35 -6.43
CA GLY A 364 13.51 4.04 -6.87
C GLY A 364 12.00 3.94 -6.96
N ALA A 365 11.29 4.56 -6.02
CA ALA A 365 9.84 4.57 -6.08
C ALA A 365 9.35 5.22 -7.37
N TYR A 366 9.93 6.39 -7.70
CA TYR A 366 9.56 7.08 -8.94
C TYR A 366 9.88 6.25 -10.16
N GLU A 367 11.08 5.64 -10.19
CA GLU A 367 11.46 4.82 -11.33
C GLU A 367 10.46 3.67 -11.55
N THR A 368 10.09 2.99 -10.46
CA THR A 368 9.19 1.85 -10.58
C THR A 368 7.81 2.30 -11.02
N VAL A 369 7.28 3.36 -10.41
CA VAL A 369 5.94 3.80 -10.78
C VAL A 369 5.91 4.25 -12.23
N LYS A 370 7.00 4.88 -12.70
CA LYS A 370 7.05 5.31 -14.11
C LYS A 370 7.10 4.11 -15.04
N LYS A 371 7.99 3.15 -14.74
CA LYS A 371 8.11 1.96 -15.55
C LYS A 371 6.78 1.23 -15.66
N GLU A 372 6.09 1.07 -14.54
CA GLU A 372 4.89 0.24 -14.51
C GLU A 372 3.69 0.95 -15.11
N TYR A 373 3.52 2.25 -14.87
CA TYR A 373 2.42 2.98 -15.50
C TYR A 373 2.57 2.93 -17.01
N LYS A 374 3.81 3.11 -17.48
CA LYS A 374 4.08 3.00 -18.91
C LYS A 374 3.70 1.62 -19.43
N ARG A 375 4.21 0.57 -18.78
CA ARG A 375 3.96 -0.78 -19.28
C ARG A 375 2.47 -1.13 -19.24
N LYS A 376 1.77 -0.76 -18.16
CA LYS A 376 0.43 -1.26 -17.91
C LYS A 376 -0.65 -0.45 -18.61
N TRP A 377 -0.51 0.87 -18.66
CA TRP A 377 -1.56 1.72 -19.20
C TRP A 377 -1.07 2.72 -20.23
N ASN A 378 0.22 2.68 -20.61
CA ASN A 378 0.78 3.64 -21.54
C ASN A 378 0.60 5.07 -21.02
N ILE A 379 0.81 5.24 -19.71
CA ILE A 379 0.78 6.53 -19.05
C ILE A 379 2.21 6.90 -18.67
N VAL A 380 2.56 8.17 -18.85
CA VAL A 380 3.92 8.66 -18.73
C VAL A 380 4.00 9.62 -17.56
N TRP A 381 4.84 9.29 -16.58
CA TRP A 381 5.16 10.17 -15.48
C TRP A 381 6.20 11.20 -15.93
N LEU A 382 5.91 12.48 -15.70
CA LEU A 382 6.86 13.54 -15.97
C LEU A 382 7.63 13.85 -14.69
N LYS A 383 8.42 14.92 -14.70
CA LYS A 383 9.30 15.13 -13.57
C LYS A 383 8.53 15.68 -12.36
N PRO A 384 8.95 15.30 -11.15
CA PRO A 384 8.34 15.83 -9.92
C PRO A 384 8.40 17.34 -9.82
N LEU A 385 7.33 17.93 -9.28
CA LEU A 385 7.26 19.37 -9.14
C LEU A 385 8.20 19.89 -8.06
N GLY A 386 8.48 19.07 -7.05
CA GLY A 386 9.38 19.48 -5.98
C GLY A 386 8.91 19.17 -4.58
N PHE A 387 7.60 19.23 -4.32
CA PHE A 387 7.12 19.07 -2.96
C PHE A 387 6.65 17.65 -2.69
N ASN A 388 6.73 17.27 -1.41
CA ASN A 388 6.30 15.98 -0.90
C ASN A 388 5.08 16.23 -0.02
N ALA A 389 3.91 15.86 -0.53
CA ALA A 389 2.64 16.13 0.16
C ALA A 389 2.24 14.98 1.09
N SER A 390 3.12 14.62 2.01
CA SER A 390 2.91 13.42 2.82
C SER A 390 1.88 13.67 3.92
N TYR A 391 1.20 12.60 4.31
CA TYR A 391 0.26 12.68 5.42
C TYR A 391 1.02 12.84 6.73
N VAL A 392 0.58 13.76 7.56
CA VAL A 392 1.17 14.02 8.85
C VAL A 392 0.03 14.19 9.86
N LEU A 393 0.37 14.13 11.13
CA LEU A 393 -0.55 14.52 12.19
C LEU A 393 -0.07 15.81 12.82
N ALA A 394 -1.03 16.61 13.26
CA ALA A 394 -0.77 17.95 13.72
C ALA A 394 -1.37 18.13 15.10
N VAL A 395 -0.57 18.72 15.99
CA VAL A 395 -1.04 19.10 17.31
C VAL A 395 -0.80 20.60 17.49
N LYS A 396 -1.31 21.13 18.60
CA LYS A 396 -1.05 22.52 18.92
C LYS A 396 0.43 22.71 19.23
N ASP A 397 1.01 23.81 18.72
CA ASP A 397 2.43 24.10 18.96
C ASP A 397 2.76 24.15 20.44
N GLU A 398 1.81 24.57 21.28
CA GLU A 398 2.08 24.70 22.71
C GLU A 398 1.90 23.36 23.43
N LEU A 399 0.74 22.71 23.25
CA LEU A 399 0.52 21.38 23.82
C LEU A 399 1.60 20.40 23.40
N ALA A 400 2.32 20.70 22.30
CA ALA A 400 3.35 19.80 21.80
C ALA A 400 4.60 19.84 22.68
N LYS A 401 5.20 21.01 22.85
CA LYS A 401 6.41 21.09 23.65
C LYS A 401 6.14 21.20 25.15
N GLN A 402 4.88 20.97 25.56
CA GLN A 402 4.54 20.63 26.93
C GLN A 402 4.71 19.13 27.22
N TYR A 403 4.88 18.30 26.18
CA TYR A 403 5.28 16.92 26.33
C TYR A 403 6.46 16.54 25.44
N ASN A 404 7.11 17.52 24.82
CA ASN A 404 8.24 17.29 23.90
C ASN A 404 7.85 16.30 22.79
N LEU A 405 6.86 16.70 22.00
CA LEU A 405 6.35 15.87 20.91
C LEU A 405 7.23 16.07 19.67
N LYS A 406 8.06 15.07 19.37
CA LYS A 406 8.96 15.10 18.23
C LYS A 406 8.50 14.23 17.07
N THR A 407 7.73 13.17 17.35
CA THR A 407 7.39 12.13 16.38
C THR A 407 6.03 11.53 16.74
N PHE A 408 5.55 10.64 15.87
CA PHE A 408 4.26 9.98 16.11
C PHE A 408 4.31 9.07 17.35
N SER A 409 5.48 8.50 17.64
CA SER A 409 5.62 7.67 18.84
C SER A 409 5.33 8.49 20.10
N ASP A 410 5.89 9.71 20.17
CA ASP A 410 5.66 10.57 21.34
C ASP A 410 4.17 10.86 21.49
N LEU A 411 3.46 11.10 20.39
CA LEU A 411 2.03 11.35 20.47
C LEU A 411 1.27 10.10 20.90
N ALA A 412 1.74 8.91 20.51
CA ALA A 412 1.09 7.68 20.95
C ALA A 412 1.28 7.46 22.45
N LYS A 413 2.44 7.85 23.00
CA LYS A 413 2.68 7.70 24.43
C LYS A 413 1.72 8.55 25.27
N ILE A 414 1.32 9.70 24.75
CA ILE A 414 0.45 10.63 25.45
C ILE A 414 -0.99 10.52 24.93
N SER A 415 -1.28 9.50 24.11
CA SER A 415 -2.49 9.47 23.30
C SER A 415 -3.77 9.32 24.13
N ASP A 416 -3.67 8.70 25.31
CA ASP A 416 -4.86 8.56 26.16
C ASP A 416 -5.44 9.92 26.52
N LYS A 417 -4.58 10.86 26.90
CA LYS A 417 -4.97 12.21 27.28
C LYS A 417 -5.52 13.03 26.11
N LEU A 418 -5.51 12.49 24.89
CA LEU A 418 -5.75 13.28 23.69
C LEU A 418 -6.86 12.67 22.84
N ILE A 419 -7.57 13.55 22.16
CA ILE A 419 -8.65 13.19 21.24
C ILE A 419 -8.19 13.52 19.83
N LEU A 420 -8.66 12.76 18.83
CA LEU A 420 -8.24 12.93 17.45
C LEU A 420 -9.48 13.17 16.58
N GLY A 421 -9.57 14.38 16.04
CA GLY A 421 -10.65 14.75 15.13
C GLY A 421 -10.23 14.58 13.68
N ALA A 422 -10.21 13.35 13.18
CA ALA A 422 -9.68 13.18 11.83
C ALA A 422 -10.77 13.36 10.78
N ASN A 423 -10.37 13.30 9.51
CA ASN A 423 -11.29 13.30 8.40
C ASN A 423 -11.79 11.89 8.12
N MET A 424 -12.97 11.81 7.49
CA MET A 424 -13.69 10.54 7.48
C MET A 424 -13.16 9.57 6.45
N MET A 425 -12.74 10.03 5.28
CA MET A 425 -12.12 9.05 4.40
C MET A 425 -10.68 8.76 4.78
N PHE A 426 -10.21 9.27 5.92
CA PHE A 426 -8.98 8.81 6.55
C PHE A 426 -9.24 7.87 7.72
N LEU A 427 -10.36 8.03 8.42
CA LEU A 427 -10.73 7.13 9.50
C LEU A 427 -11.21 5.78 8.98
N GLU A 428 -11.91 5.78 7.84
CA GLU A 428 -12.56 4.57 7.32
C GLU A 428 -11.60 3.72 6.49
N ASN A 429 -10.73 4.36 5.72
CA ASN A 429 -9.82 3.67 4.80
C ASN A 429 -8.98 2.64 5.57
N PRO A 430 -9.03 1.36 5.19
CA PRO A 430 -8.13 0.38 5.83
C PRO A 430 -6.66 0.79 5.75
N ASP A 431 -6.20 1.14 4.56
CA ASP A 431 -4.85 1.69 4.37
C ASP A 431 -4.62 2.96 5.17
N GLY A 432 -5.67 3.57 5.73
CA GLY A 432 -5.56 4.83 6.43
C GLY A 432 -5.28 4.69 7.92
N TYR A 433 -6.22 5.15 8.75
CA TYR A 433 -6.00 5.22 10.20
C TYR A 433 -5.99 3.88 10.93
N PRO A 434 -6.77 2.86 10.55
CA PRO A 434 -6.60 1.55 11.20
C PRO A 434 -5.21 0.93 11.02
N GLY A 435 -4.60 1.09 9.83
CA GLY A 435 -3.23 0.61 9.65
C GLY A 435 -2.22 1.39 10.47
N LEU A 436 -2.38 2.72 10.51
CA LEU A 436 -1.53 3.57 11.35
C LEU A 436 -1.67 3.21 12.82
N GLN A 437 -2.89 2.87 13.24
CA GLN A 437 -3.13 2.41 14.61
C GLN A 437 -2.44 1.08 14.88
N LYS A 438 -2.47 0.18 13.89
CA LYS A 438 -1.75 -1.08 14.03
C LYS A 438 -0.27 -0.83 14.25
N LEU A 439 0.32 0.11 13.50
CA LEU A 439 1.76 0.30 13.64
C LEU A 439 2.13 1.11 14.87
N TYR A 440 1.24 1.95 15.38
CA TYR A 440 1.60 2.80 16.51
C TYR A 440 0.87 2.46 17.81
N ASN A 441 -0.18 1.66 17.74
CA ASN A 441 -1.03 1.37 18.90
C ASN A 441 -1.51 2.67 19.56
N PHE A 442 -2.28 3.43 18.79
CA PHE A 442 -2.79 4.73 19.23
C PHE A 442 -3.97 4.52 20.17
N LYS A 443 -3.84 5.04 21.39
CA LYS A 443 -4.92 5.00 22.38
C LYS A 443 -5.74 6.29 22.39
N PHE A 444 -6.19 6.75 21.22
CA PHE A 444 -7.18 7.83 21.18
C PHE A 444 -8.54 7.18 21.38
N LYS A 445 -8.96 6.99 22.63
CA LYS A 445 -10.16 6.18 22.80
C LYS A 445 -11.44 6.93 22.46
N HIS A 446 -11.39 8.23 22.22
CA HIS A 446 -12.42 8.93 21.47
C HIS A 446 -11.78 9.71 20.33
N THR A 447 -12.10 9.33 19.09
CA THR A 447 -11.75 10.07 17.89
C THR A 447 -13.00 10.37 17.09
N LYS A 448 -13.07 11.59 16.58
CA LYS A 448 -14.22 12.11 15.86
C LYS A 448 -13.99 12.02 14.37
N SER A 449 -15.05 11.69 13.64
CA SER A 449 -15.00 11.53 12.20
C SER A 449 -15.58 12.81 11.59
N MET A 450 -14.70 13.75 11.32
CA MET A 450 -15.09 15.06 10.83
C MET A 450 -14.91 15.14 9.32
N ASP A 451 -15.84 15.84 8.68
CA ASP A 451 -15.70 16.24 7.28
C ASP A 451 -14.81 17.48 7.19
N ALA A 452 -14.94 18.27 6.12
CA ALA A 452 -14.01 19.33 5.76
C ALA A 452 -13.74 20.31 6.91
N GLY A 453 -12.82 21.25 6.70
CA GLY A 453 -11.88 21.71 7.72
C GLY A 453 -12.42 22.23 9.04
N ILE A 454 -13.65 21.88 9.38
CA ILE A 454 -14.17 21.98 10.74
C ILE A 454 -13.18 21.41 11.77
N PRO A 455 -12.39 20.36 11.46
CA PRO A 455 -11.34 19.95 12.42
C PRO A 455 -10.35 21.04 12.80
N TYR A 456 -10.10 22.03 11.92
CA TYR A 456 -9.19 23.12 12.28
C TYR A 456 -9.80 24.00 13.38
N THR A 457 -11.03 24.46 13.19
CA THR A 457 -11.74 25.14 14.26
C THR A 457 -11.78 24.27 15.50
N ALA A 458 -11.93 22.95 15.33
CA ALA A 458 -12.02 22.03 16.45
C ALA A 458 -10.74 22.05 17.29
N ILE A 459 -9.58 21.90 16.66
CA ILE A 459 -8.34 21.92 17.42
C ILE A 459 -8.08 23.30 18.01
N ASP A 460 -8.51 24.37 17.31
CA ASP A 460 -8.39 25.70 17.89
C ASP A 460 -9.32 25.87 19.09
N ASN A 461 -10.55 25.35 18.99
CA ASN A 461 -11.51 25.26 20.09
C ASN A 461 -11.09 24.28 21.17
N ASN A 462 -9.97 23.59 20.96
CA ASN A 462 -9.54 22.43 21.74
C ASN A 462 -10.68 21.46 22.04
N GLU A 463 -11.70 21.41 21.18
CA GLU A 463 -12.51 20.20 21.12
C GLU A 463 -11.62 18.99 20.95
N VAL A 464 -10.55 19.13 20.16
CA VAL A 464 -9.67 18.06 19.75
C VAL A 464 -8.22 18.49 19.91
N GLN A 465 -7.33 17.50 20.09
CA GLN A 465 -5.90 17.71 20.31
C GLN A 465 -5.02 17.31 19.13
N VAL A 466 -5.47 16.35 18.31
CA VAL A 466 -4.72 15.87 17.15
C VAL A 466 -5.62 15.94 15.92
N ILE A 467 -5.04 16.34 14.79
CA ILE A 467 -5.75 16.28 13.51
C ILE A 467 -4.85 15.63 12.45
N ASP A 468 -5.48 15.07 11.43
CA ASP A 468 -4.73 14.59 10.27
C ASP A 468 -4.66 15.67 9.20
N ALA A 469 -3.47 15.85 8.62
CA ALA A 469 -3.27 16.89 7.60
C ALA A 469 -2.28 16.40 6.56
N THR A 470 -2.25 17.10 5.43
CA THR A 470 -1.20 16.91 4.46
C THR A 470 -0.18 18.03 4.63
N ALA A 471 1.10 17.71 4.42
CA ALA A 471 2.22 18.60 4.67
C ALA A 471 2.15 19.91 3.88
N THR A 472 1.34 20.00 2.83
CA THR A 472 1.24 21.22 2.04
C THR A 472 0.05 22.09 2.43
N ASP A 473 -0.72 21.71 3.44
CA ASP A 473 -1.84 22.53 3.88
C ASP A 473 -1.31 23.82 4.51
N GLY A 474 -1.62 24.96 3.91
CA GLY A 474 -1.12 26.21 4.46
C GLY A 474 -1.73 26.59 5.78
N LEU A 475 -2.98 26.18 6.02
CA LEU A 475 -3.64 26.45 7.29
C LEU A 475 -2.90 25.87 8.49
N LEU A 476 -1.94 24.96 8.28
CA LEU A 476 -1.11 24.51 9.41
C LEU A 476 -0.26 25.64 9.98
N VAL A 477 0.29 26.48 9.09
CA VAL A 477 1.13 27.58 9.58
C VAL A 477 0.27 28.62 10.29
N SER A 478 -0.74 29.15 9.59
CA SER A 478 -1.58 30.20 10.17
C SER A 478 -2.22 29.76 11.48
N HIS A 479 -2.54 28.48 11.62
CA HIS A 479 -3.20 28.00 12.84
C HIS A 479 -2.22 27.66 13.96
N LYS A 480 -0.91 27.86 13.76
CA LYS A 480 0.07 27.73 14.86
C LYS A 480 0.30 26.25 15.23
N LEU A 481 0.45 25.39 14.24
CA LEU A 481 0.41 23.95 14.48
C LEU A 481 1.75 23.26 14.24
N LYS A 482 1.91 22.13 14.92
CA LYS A 482 3.11 21.30 14.95
C LYS A 482 2.84 20.06 14.10
N ILE A 483 3.64 19.87 13.05
CA ILE A 483 3.60 18.66 12.23
C ILE A 483 4.55 17.62 12.85
N LEU A 484 3.97 16.50 13.31
CA LEU A 484 4.77 15.46 13.96
C LEU A 484 5.33 14.51 12.91
N GLU A 485 6.53 13.99 13.19
CA GLU A 485 7.21 13.13 12.24
C GLU A 485 6.65 11.72 12.28
N ASP A 486 6.51 11.12 11.10
CA ASP A 486 6.16 9.70 10.92
C ASP A 486 7.46 8.90 11.09
N ASP A 487 7.87 8.71 12.36
CA ASP A 487 9.20 8.19 12.64
C ASP A 487 9.35 6.73 12.24
N LYS A 488 8.27 5.94 12.30
CA LYS A 488 8.29 4.58 11.78
C LYS A 488 7.79 4.50 10.34
N ALA A 489 7.59 5.65 9.69
CA ALA A 489 7.38 5.75 8.24
C ALA A 489 6.23 4.85 7.77
N PHE A 490 5.09 4.97 8.43
CA PHE A 490 3.92 4.23 7.98
C PHE A 490 3.50 4.70 6.59
N PHE A 491 3.55 6.01 6.35
CA PHE A 491 3.12 6.64 5.11
C PHE A 491 4.30 6.76 4.15
N PRO A 492 4.10 6.41 2.89
CA PRO A 492 5.14 6.63 1.89
C PRO A 492 5.23 8.11 1.53
N PRO A 493 6.30 8.54 0.88
CA PRO A 493 6.36 9.95 0.43
C PRO A 493 5.40 10.16 -0.72
N TYR A 494 4.70 11.30 -0.69
CA TYR A 494 3.80 11.69 -1.77
C TYR A 494 4.43 12.83 -2.58
N TYR A 495 5.44 12.48 -3.37
CA TYR A 495 6.01 13.45 -4.29
C TYR A 495 5.06 13.64 -5.47
N ALA A 496 4.67 14.88 -5.72
CA ALA A 496 3.70 15.20 -6.77
C ALA A 496 4.40 15.31 -8.12
N ALA A 497 3.78 14.71 -9.14
CA ALA A 497 4.28 14.88 -10.51
C ALA A 497 3.15 14.87 -11.53
N PRO A 498 3.25 15.64 -12.60
CA PRO A 498 2.28 15.52 -13.68
C PRO A 498 2.45 14.20 -14.40
N ILE A 499 1.33 13.63 -14.83
CA ILE A 499 1.33 12.44 -15.68
C ILE A 499 0.40 12.68 -16.86
N ILE A 500 0.74 12.03 -17.98
CA ILE A 500 0.11 12.31 -19.27
C ILE A 500 -0.01 11.00 -20.05
N ARG A 501 -1.05 10.89 -20.87
CA ARG A 501 -1.19 9.74 -21.74
C ARG A 501 -0.11 9.75 -22.83
N GLN A 502 0.46 8.59 -23.11
CA GLN A 502 1.41 8.48 -24.23
C GLN A 502 0.73 8.84 -25.54
N ASP A 503 -0.57 8.53 -25.63
CA ASP A 503 -1.60 8.95 -26.57
C ASP A 503 -1.35 10.37 -27.04
N VAL A 504 -1.28 11.26 -26.05
CA VAL A 504 -1.26 12.67 -26.28
C VAL A 504 0.16 13.15 -26.57
N LEU A 505 1.16 12.54 -25.94
CA LEU A 505 2.55 12.88 -26.25
C LEU A 505 2.93 12.49 -27.68
N ASP A 506 2.40 11.37 -28.18
CA ASP A 506 2.64 10.98 -29.57
C ASP A 506 2.15 12.06 -30.52
N LYS A 507 0.97 12.62 -30.23
CA LYS A 507 0.41 13.65 -31.10
C LYS A 507 1.05 15.01 -30.88
N HIS A 508 1.53 15.29 -29.67
CA HIS A 508 2.12 16.59 -29.32
C HIS A 508 3.34 16.40 -28.44
N PRO A 509 4.48 16.02 -29.04
CA PRO A 509 5.68 15.74 -28.22
C PRO A 509 6.16 16.93 -27.40
N GLU A 510 5.87 18.16 -27.85
CA GLU A 510 6.37 19.33 -27.13
C GLU A 510 5.87 19.36 -25.68
N LEU A 511 4.70 18.77 -25.42
CA LEU A 511 4.16 18.73 -24.06
C LEU A 511 5.17 18.19 -23.05
N LYS A 512 6.01 17.22 -23.45
CA LYS A 512 6.94 16.65 -22.48
C LYS A 512 7.87 17.72 -21.95
N ASP A 513 8.54 18.46 -22.84
CA ASP A 513 9.43 19.50 -22.34
C ASP A 513 8.64 20.62 -21.67
N VAL A 514 7.45 20.93 -22.18
CA VAL A 514 6.72 22.09 -21.63
C VAL A 514 6.36 21.84 -20.18
N LEU A 515 5.73 20.69 -19.89
CA LEU A 515 5.38 20.38 -18.50
C LEU A 515 6.64 20.17 -17.65
N ASN A 516 7.73 19.68 -18.26
CA ASN A 516 8.91 19.51 -17.43
C ASN A 516 9.57 20.85 -17.11
N LYS A 517 9.12 21.94 -17.71
CA LYS A 517 9.61 23.23 -17.25
C LYS A 517 9.29 23.44 -15.78
N LEU A 518 8.28 22.75 -15.25
CA LEU A 518 7.96 22.89 -13.83
C LEU A 518 8.83 22.04 -12.92
N ALA A 519 9.76 21.23 -13.47
CA ALA A 519 10.55 20.31 -12.63
C ALA A 519 11.27 21.06 -11.52
N ASN A 520 10.96 20.70 -10.27
CA ASN A 520 11.61 21.27 -9.10
C ASN A 520 11.32 22.76 -8.91
N GLN A 521 10.21 23.26 -9.45
CA GLN A 521 9.87 24.66 -9.34
C GLN A 521 8.94 24.97 -8.16
N ILE A 522 8.47 23.97 -7.44
CA ILE A 522 7.52 24.20 -6.36
C ILE A 522 8.04 23.47 -5.12
N SER A 523 8.61 24.23 -4.19
CA SER A 523 9.03 23.68 -2.91
C SER A 523 7.82 23.49 -2.01
N LEU A 524 8.02 22.72 -0.94
CA LEU A 524 6.93 22.49 0.01
C LEU A 524 6.46 23.80 0.62
N GLU A 525 7.39 24.70 0.95
CA GLU A 525 6.97 25.99 1.50
C GLU A 525 6.18 26.79 0.48
N GLU A 526 6.59 26.73 -0.80
CA GLU A 526 5.84 27.46 -1.81
C GLU A 526 4.43 26.89 -1.97
N MET A 527 4.31 25.56 -1.99
CA MET A 527 2.98 24.96 -2.10
C MET A 527 2.12 25.30 -0.88
N GLN A 528 2.72 25.32 0.32
CA GLN A 528 1.98 25.77 1.50
C GLN A 528 1.45 27.20 1.34
N LYS A 529 2.32 28.13 0.91
CA LYS A 529 1.90 29.53 0.69
C LYS A 529 0.78 29.63 -0.35
N LEU A 530 0.92 28.92 -1.48
CA LEU A 530 -0.11 28.99 -2.50
C LEU A 530 -1.43 28.43 -1.97
N ASN A 531 -1.38 27.29 -1.29
CA ASN A 531 -2.59 26.71 -0.71
C ASN A 531 -3.23 27.68 0.30
N TYR A 532 -2.39 28.36 1.09
CA TYR A 532 -2.90 29.32 2.07
C TYR A 532 -3.62 30.49 1.38
N LYS A 533 -3.10 30.94 0.23
CA LYS A 533 -3.74 32.07 -0.47
C LYS A 533 -5.21 31.77 -0.76
N ARG A 534 -5.52 30.51 -1.10
CA ARG A 534 -6.92 30.16 -1.33
C ARG A 534 -7.66 29.78 -0.04
N ASP A 535 -7.10 28.86 0.74
CA ASP A 535 -7.82 28.36 1.90
C ASP A 535 -7.93 29.42 3.01
N GLY A 536 -6.84 30.14 3.26
CA GLY A 536 -6.81 31.12 4.34
C GLY A 536 -7.19 32.53 3.93
N GLU A 537 -6.95 32.90 2.67
CA GLU A 537 -7.26 34.24 2.20
C GLU A 537 -8.41 34.30 1.21
N GLY A 538 -8.86 33.16 0.68
CA GLY A 538 -10.01 33.15 -0.22
C GLY A 538 -9.72 33.60 -1.63
N GLN A 539 -8.46 33.67 -2.04
CA GLN A 539 -8.16 34.13 -3.40
C GLN A 539 -8.62 33.12 -4.44
N ASP A 540 -8.80 33.61 -5.65
CA ASP A 540 -9.18 32.75 -6.77
C ASP A 540 -8.05 31.79 -7.13
N PRO A 541 -8.26 30.48 -7.14
CA PRO A 541 -7.15 29.54 -7.43
C PRO A 541 -6.55 29.69 -8.82
N ALA A 542 -7.33 30.08 -9.84
CA ALA A 542 -6.74 30.31 -11.16
C ALA A 542 -5.80 31.51 -11.15
N LYS A 543 -6.20 32.58 -10.45
CA LYS A 543 -5.31 33.74 -10.34
C LYS A 543 -4.10 33.42 -9.49
N VAL A 544 -4.28 32.60 -8.45
CA VAL A 544 -3.13 32.17 -7.64
C VAL A 544 -2.12 31.46 -8.52
N ALA A 545 -2.59 30.51 -9.33
CA ALA A 545 -1.68 29.74 -10.19
C ALA A 545 -0.96 30.66 -11.17
N LYS A 546 -1.72 31.49 -11.89
CA LYS A 546 -1.14 32.34 -12.92
C LYS A 546 -0.13 33.32 -12.35
N GLU A 547 -0.46 33.96 -11.23
CA GLU A 547 0.47 34.91 -10.60
C GLU A 547 1.73 34.21 -10.14
N PHE A 548 1.61 33.02 -9.53
CA PHE A 548 2.82 32.31 -9.14
C PHE A 548 3.72 32.04 -10.33
N LEU A 549 3.14 31.63 -11.46
CA LEU A 549 3.99 31.35 -12.63
C LEU A 549 4.61 32.64 -13.18
N LYS A 550 3.84 33.73 -13.21
CA LYS A 550 4.38 35.00 -13.69
C LYS A 550 5.56 35.44 -12.83
N GLU A 551 5.38 35.50 -11.51
CA GLU A 551 6.45 35.90 -10.59
C GLU A 551 7.70 35.03 -10.72
N LYS A 552 7.57 33.76 -11.12
CA LYS A 552 8.76 32.93 -11.30
C LYS A 552 9.33 33.04 -12.71
N GLY A 553 8.71 33.82 -13.59
CA GLY A 553 9.24 33.92 -14.93
C GLY A 553 9.00 32.70 -15.78
N LEU A 554 8.09 31.81 -15.35
CA LEU A 554 7.81 30.59 -16.09
C LEU A 554 6.79 30.83 -17.20
N ILE A 555 5.91 31.82 -17.04
CA ILE A 555 5.08 32.30 -18.14
C ILE A 555 5.20 33.82 -18.27
C1 EDO B . -0.20 30.16 -32.90
O1 EDO B . 0.96 30.46 -32.07
C2 EDO B . 0.26 29.66 -34.26
O2 EDO B . 1.04 28.46 -34.09
C1 EDO C . -1.87 -33.76 -2.29
O1 EDO C . -1.58 -32.36 -2.24
C2 EDO C . -0.61 -34.36 -2.91
O2 EDO C . 0.49 -33.60 -2.39
C1 EDO D . -11.65 -24.50 4.56
O1 EDO D . -13.05 -24.23 4.66
C2 EDO D . -11.44 -25.36 3.33
O2 EDO D . -12.66 -26.06 3.07
C1 EDO E . -22.60 -13.28 -9.30
O1 EDO E . -22.56 -13.23 -7.86
C2 EDO E . -21.61 -14.35 -9.77
O2 EDO E . -22.24 -15.63 -9.64
C1 EDO F . -21.33 -18.24 -11.01
O1 EDO F . -20.48 -17.10 -10.74
C2 EDO F . -20.52 -19.53 -10.94
O2 EDO F . -20.88 -20.38 -12.04
#